data_3INY
#
_entry.id   3INY
#
_cell.length_a   138.748
_cell.length_b   138.748
_cell.length_c   159.366
_cell.angle_alpha   90.00
_cell.angle_beta   90.00
_cell.angle_gamma   120.00
#
_symmetry.space_group_name_H-M   'H 3 2'
#
loop_
_entity.id
_entity.type
_entity.pdbx_description
1 polymer 'Purine nucleoside phosphorylase'
2 non-polymer 'SULFATE ION'
3 non-polymer 7-DEAZAGUANINE
4 water water
#
_entity_poly.entity_id   1
_entity_poly.type   'polypeptide(L)'
_entity_poly.pdbx_seq_one_letter_code
;MENGYTYEDYKNTAEWLLSHTKHRPQVAIICGSGLGGLTDKLTQAQIFDYSEIPNFPRSTVPGHAGRLVFGFLNGRACVM
MQGRFHMYEGYPLWKVTFPVRVFHLLGVDTLVVTNAAGGLNPKFEVGDIMLIRDHINLPGFSGQNPLRGPNDERFGDRFP
AMSDAYDRTMRQRALSTWKQMGEQRELQEGTYVMVAGPSFETVAECRVLQKLGADAVGMSTVPEVIVARHCGLRVFGFSL
ITNKVIMDYESLEKANHEEVLAAGKQAAQKLEQFVSILMASIPLPDKAS
;
_entity_poly.pdbx_strand_id   A
#
# COMPACT_ATOMS: atom_id res chain seq x y z
N GLU A 2 13.12 -3.49 -11.22
CA GLU A 2 14.47 -3.85 -11.86
C GLU A 2 15.26 -5.05 -11.25
N ASN A 3 16.57 -4.83 -11.03
CA ASN A 3 17.67 -5.86 -10.71
C ASN A 3 17.13 -7.20 -10.29
N GLY A 4 17.95 -8.21 -10.31
CA GLY A 4 17.29 -9.43 -9.87
C GLY A 4 16.34 -9.94 -10.96
N TYR A 5 15.30 -9.20 -11.43
CA TYR A 5 14.25 -9.73 -12.34
C TYR A 5 14.39 -9.27 -13.78
N THR A 6 13.98 -10.01 -14.80
CA THR A 6 13.76 -9.26 -16.01
C THR A 6 12.38 -9.33 -16.40
N TYR A 7 12.12 -8.57 -17.45
CA TYR A 7 10.80 -8.51 -17.98
C TYR A 7 10.22 -9.90 -18.11
N GLU A 8 11.00 -10.79 -18.70
CA GLU A 8 10.48 -12.04 -19.03
C GLU A 8 10.06 -12.70 -17.71
N ASP A 9 10.70 -12.35 -16.60
CA ASP A 9 10.27 -12.91 -15.34
C ASP A 9 8.89 -12.47 -14.93
N TYR A 10 8.67 -11.17 -15.10
CA TYR A 10 7.41 -10.59 -14.71
C TYR A 10 6.37 -11.23 -15.63
N LYS A 11 6.71 -11.33 -16.93
CA LYS A 11 5.78 -11.90 -17.90
C LYS A 11 5.41 -13.31 -17.48
N ASN A 12 6.38 -14.17 -17.33
CA ASN A 12 6.05 -15.49 -16.93
C ASN A 12 5.19 -15.40 -15.73
N THR A 13 5.50 -14.49 -14.80
CA THR A 13 4.80 -14.58 -13.52
C THR A 13 3.29 -14.31 -13.74
N ALA A 14 3.05 -13.40 -14.67
CA ALA A 14 1.76 -12.89 -15.01
C ALA A 14 1.01 -14.01 -15.71
N GLU A 15 1.59 -14.47 -16.78
CA GLU A 15 1.12 -15.63 -17.48
C GLU A 15 0.71 -16.81 -16.58
N TRP A 16 1.61 -17.22 -15.71
CA TRP A 16 1.27 -18.35 -14.86
C TRP A 16 0.01 -18.03 -14.16
N LEU A 17 -0.09 -16.82 -13.62
CA LEU A 17 -1.22 -16.46 -12.81
C LEU A 17 -2.47 -16.30 -13.74
N LEU A 18 -2.27 -15.68 -14.92
CA LEU A 18 -3.29 -15.53 -15.91
C LEU A 18 -3.77 -16.98 -16.25
N SER A 19 -2.83 -17.87 -16.55
CA SER A 19 -3.29 -19.17 -16.93
C SER A 19 -3.60 -20.03 -15.70
N HIS A 20 -3.77 -19.44 -14.52
CA HIS A 20 -4.09 -20.27 -13.36
C HIS A 20 -5.22 -19.71 -12.59
N THR A 21 -5.78 -18.61 -13.03
CA THR A 21 -6.91 -18.16 -12.28
C THR A 21 -7.74 -17.74 -13.42
N LYS A 22 -9.06 -17.85 -13.25
CA LYS A 22 -10.05 -17.54 -14.32
C LYS A 22 -10.21 -15.99 -14.30
N HIS A 23 -9.84 -15.41 -13.15
CA HIS A 23 -9.91 -13.98 -12.85
C HIS A 23 -8.94 -13.07 -13.62
N ARG A 24 -9.47 -11.89 -14.09
CA ARG A 24 -8.68 -10.74 -14.65
C ARG A 24 -8.76 -9.62 -13.66
N PRO A 25 -7.72 -9.40 -12.84
CA PRO A 25 -8.06 -8.40 -11.88
C PRO A 25 -7.80 -7.04 -12.53
N GLN A 26 -8.66 -6.08 -12.17
CA GLN A 26 -8.54 -4.75 -12.63
C GLN A 26 -7.87 -4.00 -11.54
N VAL A 27 -8.13 -4.40 -10.34
CA VAL A 27 -7.55 -3.67 -9.27
C VAL A 27 -6.60 -4.49 -8.35
N ALA A 28 -5.46 -3.96 -7.96
CA ALA A 28 -4.63 -4.62 -6.96
C ALA A 28 -4.79 -3.98 -5.61
N ILE A 29 -4.80 -4.78 -4.54
CA ILE A 29 -4.89 -4.17 -3.22
C ILE A 29 -3.82 -4.67 -2.22
N ILE A 30 -3.06 -3.77 -1.63
CA ILE A 30 -2.04 -4.31 -0.83
C ILE A 30 -2.50 -3.94 0.53
N CYS A 31 -2.58 -4.91 1.44
CA CYS A 31 -3.07 -4.64 2.78
C CYS A 31 -1.92 -4.45 3.75
N GLY A 32 -1.94 -3.46 4.61
CA GLY A 32 -0.84 -3.24 5.58
C GLY A 32 -1.12 -4.15 6.78
N SER A 33 -0.36 -4.00 7.87
CA SER A 33 -0.70 -4.79 9.02
C SER A 33 -2.05 -4.50 9.41
N GLY A 34 -2.75 -5.58 9.72
CA GLY A 34 -4.07 -5.59 10.31
C GLY A 34 -5.18 -5.35 9.34
N LEU A 35 -4.89 -5.15 8.06
CA LEU A 35 -5.95 -4.89 7.06
C LEU A 35 -5.97 -6.12 6.14
N GLY A 36 -5.34 -7.12 6.69
CA GLY A 36 -5.47 -8.44 6.19
C GLY A 36 -6.88 -8.79 5.87
N GLY A 37 -7.78 -8.54 6.84
CA GLY A 37 -9.14 -9.04 6.76
C GLY A 37 -9.89 -8.70 5.46
N LEU A 38 -9.50 -7.60 4.79
CA LEU A 38 -10.15 -7.24 3.56
C LEU A 38 -10.39 -8.41 2.68
N THR A 39 -9.40 -9.31 2.61
CA THR A 39 -9.53 -10.55 1.80
C THR A 39 -10.87 -11.35 2.11
N ASP A 40 -11.31 -11.35 3.35
CA ASP A 40 -12.59 -11.93 3.60
C ASP A 40 -13.68 -11.38 2.69
N LYS A 41 -13.75 -10.06 2.50
CA LYS A 41 -14.81 -9.43 1.68
C LYS A 41 -14.77 -9.85 0.21
N LEU A 42 -13.74 -10.59 -0.21
CA LEU A 42 -13.69 -11.04 -1.64
C LEU A 42 -14.76 -12.04 -1.99
N THR A 43 -15.24 -12.04 -3.19
CA THR A 43 -16.18 -13.09 -3.45
C THR A 43 -15.60 -13.89 -4.58
N GLN A 44 -15.72 -15.22 -4.45
CA GLN A 44 -15.09 -16.14 -5.39
C GLN A 44 -13.57 -16.06 -5.33
N ALA A 45 -13.10 -15.97 -4.09
CA ALA A 45 -11.68 -15.88 -3.81
C ALA A 45 -10.88 -17.07 -4.47
N GLN A 46 -9.79 -16.83 -5.17
CA GLN A 46 -8.78 -17.90 -5.39
C GLN A 46 -7.49 -17.50 -4.63
N ILE A 47 -7.00 -18.37 -3.77
CA ILE A 47 -5.82 -18.03 -2.98
C ILE A 47 -4.53 -18.62 -3.61
N PHE A 48 -3.51 -17.80 -3.79
CA PHE A 48 -2.18 -18.36 -3.98
C PHE A 48 -1.30 -17.99 -2.88
N ASP A 49 -0.68 -18.99 -2.29
CA ASP A 49 0.52 -18.69 -1.58
C ASP A 49 1.60 -18.10 -2.42
N TYR A 50 2.38 -17.17 -1.83
CA TYR A 50 3.28 -16.43 -2.69
C TYR A 50 4.17 -17.50 -3.26
N SER A 51 4.79 -18.15 -2.29
CA SER A 51 4.99 -19.52 -2.38
C SER A 51 4.94 -20.20 -3.81
N GLU A 52 3.72 -20.56 -4.26
CA GLU A 52 3.47 -21.22 -5.50
C GLU A 52 3.70 -20.37 -6.73
N ILE A 53 3.80 -19.05 -6.61
CA ILE A 53 3.90 -18.22 -7.78
C ILE A 53 5.31 -18.05 -8.25
N PRO A 54 5.57 -18.48 -9.52
CA PRO A 54 6.85 -18.37 -10.00
C PRO A 54 7.74 -17.22 -9.53
N ASN A 55 7.46 -15.97 -9.54
CA ASN A 55 8.84 -15.49 -8.98
C ASN A 55 8.72 -14.77 -7.73
N PHE A 56 7.57 -14.98 -7.10
CA PHE A 56 7.09 -14.06 -6.20
C PHE A 56 7.98 -14.15 -4.98
N PRO A 57 8.53 -13.08 -4.47
CA PRO A 57 9.16 -13.32 -3.19
C PRO A 57 8.37 -14.15 -2.26
N ARG A 58 8.94 -15.05 -1.54
CA ARG A 58 8.16 -15.83 -0.56
C ARG A 58 8.25 -14.95 0.69
N SER A 59 7.35 -15.03 1.67
CA SER A 59 7.45 -14.19 2.94
C SER A 59 8.67 -14.49 3.77
N THR A 60 9.12 -13.58 4.67
CA THR A 60 10.35 -13.98 5.43
C THR A 60 10.12 -14.73 6.73
N VAL A 61 8.89 -14.80 7.19
CA VAL A 61 8.58 -15.56 8.40
C VAL A 61 7.02 -15.77 8.46
N PRO A 62 6.25 -14.59 8.34
CA PRO A 62 4.84 -14.43 8.91
C PRO A 62 3.88 -15.30 8.09
N GLY A 63 4.05 -15.19 6.76
CA GLY A 63 4.07 -16.33 5.84
C GLY A 63 2.73 -16.64 5.31
N HIS A 64 1.81 -16.81 6.27
CA HIS A 64 0.36 -17.19 6.18
C HIS A 64 -0.25 -15.93 6.85
N ALA A 65 -0.72 -15.01 5.97
CA ALA A 65 -0.20 -13.62 5.86
C ALA A 65 1.17 -13.76 4.99
N GLY A 66 1.12 -14.60 3.92
CA GLY A 66 1.89 -14.40 2.77
C GLY A 66 1.04 -14.85 1.61
N ARG A 67 0.01 -14.10 1.28
CA ARG A 67 -0.90 -14.61 0.19
C ARG A 67 -1.50 -13.65 -0.82
N LEU A 68 -1.75 -14.13 -2.00
CA LEU A 68 -2.27 -13.38 -3.05
C LEU A 68 -3.66 -13.93 -3.25
N VAL A 69 -4.69 -13.17 -2.89
CA VAL A 69 -6.02 -13.60 -3.29
C VAL A 69 -6.80 -12.81 -4.30
N PHE A 70 -7.09 -13.45 -5.41
CA PHE A 70 -7.95 -12.89 -6.41
C PHE A 70 -9.44 -13.09 -6.03
N GLY A 71 -10.29 -12.15 -6.39
CA GLY A 71 -11.59 -12.02 -5.75
C GLY A 71 -12.39 -10.95 -6.47
N PHE A 72 -13.64 -10.82 -6.10
CA PHE A 72 -14.36 -9.66 -6.53
C PHE A 72 -14.71 -8.97 -5.29
N LEU A 73 -14.39 -7.70 -5.34
CA LEU A 73 -14.72 -6.80 -4.26
C LEU A 73 -15.64 -5.73 -4.93
N ASN A 74 -16.94 -5.98 -4.74
CA ASN A 74 -17.93 -4.91 -4.70
C ASN A 74 -17.91 -4.25 -6.00
N GLY A 75 -17.91 -5.08 -7.03
CA GLY A 75 -18.13 -4.67 -8.35
C GLY A 75 -16.77 -4.43 -8.95
N ARG A 76 -15.73 -5.01 -8.35
CA ARG A 76 -14.43 -5.02 -9.04
C ARG A 76 -13.68 -6.29 -8.85
N ALA A 77 -13.13 -6.76 -9.98
CA ALA A 77 -12.07 -7.78 -10.15
C ALA A 77 -10.79 -7.35 -9.42
N CYS A 78 -10.72 -7.65 -8.15
CA CYS A 78 -9.52 -7.41 -7.41
C CYS A 78 -8.55 -8.51 -7.53
N VAL A 79 -7.30 -8.21 -7.09
CA VAL A 79 -6.26 -9.13 -6.64
C VAL A 79 -5.65 -8.44 -5.44
N MET A 80 -5.71 -9.03 -4.26
CA MET A 80 -5.08 -8.43 -3.11
C MET A 80 -3.86 -9.20 -2.53
N MET A 81 -2.85 -8.44 -2.07
CA MET A 81 -1.77 -9.04 -1.45
C MET A 81 -2.14 -8.97 -0.04
N GLN A 82 -2.01 -10.06 0.70
CA GLN A 82 -2.07 -9.98 2.13
C GLN A 82 -0.70 -10.28 2.74
N GLY A 83 -0.14 -9.29 3.41
CA GLY A 83 1.25 -9.33 3.92
C GLY A 83 2.03 -8.83 2.72
N ARG A 84 2.17 -7.51 2.62
CA ARG A 84 3.03 -6.92 1.63
C ARG A 84 4.42 -7.14 2.24
N PHE A 85 5.47 -7.00 1.47
CA PHE A 85 6.88 -7.15 1.82
C PHE A 85 7.42 -5.77 2.14
N HIS A 86 8.50 -5.72 2.96
CA HIS A 86 9.03 -4.51 3.57
C HIS A 86 10.57 -4.49 3.38
N MET A 87 11.18 -3.37 3.03
CA MET A 87 12.53 -3.51 3.12
C MET A 87 13.05 -4.10 4.40
N TYR A 88 12.52 -3.70 5.53
CA TYR A 88 13.33 -3.98 6.81
C TYR A 88 13.26 -5.50 6.90
N GLU A 89 12.60 -6.24 5.99
CA GLU A 89 12.58 -7.67 6.20
C GLU A 89 13.75 -8.18 5.45
N GLY A 90 14.40 -7.31 4.67
CA GLY A 90 15.45 -7.79 3.86
C GLY A 90 15.25 -7.82 2.34
N TYR A 91 14.01 -7.98 1.78
CA TYR A 91 14.03 -7.79 0.27
C TYR A 91 14.63 -6.51 -0.35
N PRO A 92 15.35 -6.53 -1.35
CA PRO A 92 15.42 -5.08 -1.84
C PRO A 92 14.20 -4.54 -2.56
N LEU A 93 14.10 -3.27 -2.87
CA LEU A 93 12.95 -2.66 -3.35
C LEU A 93 12.51 -3.30 -4.48
N TRP A 94 13.41 -4.11 -5.11
CA TRP A 94 12.80 -4.62 -6.40
C TRP A 94 12.16 -6.02 -6.26
N LYS A 95 12.06 -6.55 -5.03
CA LYS A 95 11.30 -7.74 -4.76
C LYS A 95 10.12 -7.18 -4.05
N VAL A 96 10.30 -6.16 -3.17
CA VAL A 96 9.23 -5.53 -2.48
C VAL A 96 8.23 -5.24 -3.47
N THR A 97 8.56 -4.56 -4.57
CA THR A 97 7.60 -4.09 -5.52
C THR A 97 7.42 -4.99 -6.70
N PHE A 98 8.16 -6.08 -6.79
CA PHE A 98 7.89 -7.04 -7.87
C PHE A 98 6.36 -7.22 -8.15
N PRO A 99 5.52 -7.42 -7.17
CA PRO A 99 4.11 -7.62 -7.54
C PRO A 99 3.53 -6.48 -8.34
N VAL A 100 3.76 -5.25 -7.88
CA VAL A 100 3.16 -4.15 -8.60
C VAL A 100 3.52 -4.43 -10.04
N ARG A 101 4.72 -4.90 -10.32
CA ARG A 101 4.96 -5.03 -11.71
C ARG A 101 4.10 -6.15 -12.27
N VAL A 102 3.76 -7.14 -11.49
CA VAL A 102 2.98 -8.21 -12.12
C VAL A 102 1.57 -7.81 -12.29
N PHE A 103 0.93 -7.34 -11.23
CA PHE A 103 -0.40 -6.76 -11.36
C PHE A 103 -0.51 -5.91 -12.71
N HIS A 104 0.42 -4.98 -12.97
CA HIS A 104 0.36 -4.31 -14.25
C HIS A 104 0.06 -5.39 -15.33
N LEU A 105 1.04 -6.27 -15.62
CA LEU A 105 0.95 -7.32 -16.63
C LEU A 105 -0.29 -8.23 -16.41
N LEU A 106 -0.80 -8.37 -15.20
CA LEU A 106 -2.06 -9.03 -15.00
C LEU A 106 -3.18 -8.25 -15.69
N GLY A 107 -2.96 -6.97 -16.03
CA GLY A 107 -4.02 -6.08 -16.44
C GLY A 107 -4.46 -5.09 -15.40
N VAL A 108 -4.07 -5.25 -14.13
CA VAL A 108 -4.53 -4.33 -13.11
C VAL A 108 -4.27 -2.88 -13.58
N ASP A 109 -5.16 -1.95 -13.36
CA ASP A 109 -4.80 -0.61 -13.80
C ASP A 109 -4.94 0.35 -12.62
N THR A 110 -5.38 -0.15 -11.50
CA THR A 110 -5.31 0.67 -10.38
C THR A 110 -4.72 -0.16 -9.20
N LEU A 111 -4.02 0.53 -8.32
CA LEU A 111 -3.52 -0.06 -7.16
C LEU A 111 -3.97 0.70 -6.02
N VAL A 112 -4.44 0.04 -5.00
CA VAL A 112 -4.73 0.73 -3.79
C VAL A 112 -3.92 0.05 -2.67
N VAL A 113 -3.23 0.87 -1.87
CA VAL A 113 -2.21 0.46 -1.01
C VAL A 113 -2.66 0.85 0.34
N THR A 114 -2.65 -0.03 1.33
CA THR A 114 -2.95 0.38 2.70
C THR A 114 -1.79 0.10 3.56
N ASN A 115 -1.53 0.88 4.59
CA ASN A 115 -0.55 0.58 5.60
C ASN A 115 -1.03 0.99 6.93
N ALA A 116 -0.27 0.68 7.96
CA ALA A 116 -0.44 1.18 9.31
C ALA A 116 0.71 2.14 9.50
N ALA A 117 0.60 3.12 10.37
CA ALA A 117 1.47 4.25 10.31
C ALA A 117 1.25 5.01 11.59
N GLY A 118 2.24 5.83 11.88
CA GLY A 118 2.48 6.29 13.18
C GLY A 118 2.01 7.66 12.85
N GLY A 119 1.24 8.18 13.78
CA GLY A 119 0.73 9.48 13.65
C GLY A 119 1.72 10.43 14.20
N LEU A 120 2.04 11.41 13.41
CA LEU A 120 2.98 12.43 13.73
C LEU A 120 2.31 13.79 13.63
N ASN A 121 1.34 13.93 12.73
CA ASN A 121 0.45 15.08 12.88
C ASN A 121 -0.40 14.87 14.19
N PRO A 122 -0.43 15.93 15.03
CA PRO A 122 -1.10 15.86 16.37
C PRO A 122 -2.61 15.92 16.17
N LYS A 123 -3.05 16.63 15.14
CA LYS A 123 -4.39 16.48 14.58
C LYS A 123 -4.84 14.97 14.57
N PHE A 124 -4.02 14.01 14.90
CA PHE A 124 -4.43 12.64 14.46
C PHE A 124 -4.72 11.77 15.66
N GLU A 125 -5.65 10.85 15.53
CA GLU A 125 -5.95 10.06 16.72
C GLU A 125 -5.89 8.58 16.31
N VAL A 126 -5.30 7.77 17.18
CA VAL A 126 -5.16 6.37 16.86
C VAL A 126 -6.52 5.85 16.40
N GLY A 127 -6.61 5.01 15.38
CA GLY A 127 -7.88 4.67 14.69
C GLY A 127 -8.09 5.47 13.44
N ASP A 128 -7.47 6.63 13.36
CA ASP A 128 -7.72 7.45 12.20
C ASP A 128 -7.42 6.84 10.87
N ILE A 129 -8.04 7.30 9.81
CA ILE A 129 -7.57 6.90 8.55
C ILE A 129 -7.00 8.14 7.88
N MET A 130 -5.72 8.06 7.44
CA MET A 130 -5.18 9.08 6.56
C MET A 130 -5.14 8.69 5.09
N LEU A 131 -5.74 9.49 4.23
CA LEU A 131 -5.78 9.19 2.86
C LEU A 131 -4.45 9.76 2.45
N ILE A 132 -3.73 9.09 1.55
CA ILE A 132 -2.42 9.59 1.33
C ILE A 132 -2.55 10.61 0.20
N ARG A 133 -2.21 11.87 0.52
CA ARG A 133 -2.06 12.95 -0.50
C ARG A 133 -0.75 12.85 -1.22
N ASP A 134 0.30 12.50 -0.48
CA ASP A 134 1.68 12.58 -0.96
C ASP A 134 2.62 11.76 -0.07
N HIS A 135 3.82 11.57 -0.57
CA HIS A 135 4.69 10.90 0.33
C HIS A 135 6.01 11.62 0.34
N ILE A 136 6.76 11.34 1.39
CA ILE A 136 8.19 11.56 1.30
C ILE A 136 9.04 10.25 1.33
N ASN A 137 9.87 10.13 0.33
CA ASN A 137 10.57 8.87 0.12
C ASN A 137 11.86 8.94 0.85
N LEU A 138 11.81 8.61 2.11
CA LEU A 138 13.04 8.96 2.79
C LEU A 138 14.12 7.96 2.23
N PRO A 139 13.84 6.65 2.03
CA PRO A 139 14.87 5.84 1.29
C PRO A 139 15.16 6.23 -0.15
N GLY A 140 14.18 6.62 -0.94
CA GLY A 140 14.61 6.83 -2.34
C GLY A 140 15.68 7.94 -2.44
N PHE A 141 15.67 8.90 -1.50
CA PHE A 141 16.57 10.04 -1.68
C PHE A 141 18.03 9.50 -1.60
N SER A 142 18.15 8.43 -0.80
CA SER A 142 19.39 7.76 -0.63
C SER A 142 19.81 6.79 -1.64
N GLY A 143 18.88 6.21 -2.37
CA GLY A 143 19.38 5.38 -3.50
C GLY A 143 18.37 4.29 -3.52
N GLN A 144 17.83 4.09 -2.30
CA GLN A 144 16.84 3.12 -2.17
C GLN A 144 15.54 3.41 -2.80
N ASN A 145 15.56 3.36 -4.14
CA ASN A 145 14.38 3.59 -4.90
C ASN A 145 14.13 2.36 -5.79
N PRO A 146 12.90 1.93 -5.90
CA PRO A 146 12.52 0.65 -6.56
C PRO A 146 12.92 0.54 -8.01
N LEU A 147 13.24 1.79 -8.68
CA LEU A 147 13.31 1.93 -10.18
C LEU A 147 14.75 2.11 -10.34
N ARG A 148 15.49 2.00 -9.25
CA ARG A 148 16.91 2.15 -9.53
C ARG A 148 17.39 1.04 -10.24
N GLY A 149 18.72 0.97 -10.62
CA GLY A 149 19.41 0.15 -11.96
C GLY A 149 18.70 0.46 -13.30
N PRO A 150 18.99 -0.27 -14.41
CA PRO A 150 18.45 0.33 -15.69
C PRO A 150 16.96 0.21 -15.86
N ASN A 151 16.36 0.92 -16.79
CA ASN A 151 14.94 1.16 -16.83
C ASN A 151 14.34 0.46 -18.04
N ASP A 152 13.25 -0.31 -17.81
CA ASP A 152 12.54 -0.92 -18.85
C ASP A 152 11.44 0.01 -19.37
N GLU A 153 11.84 0.53 -20.54
CA GLU A 153 10.98 1.36 -21.33
C GLU A 153 9.60 0.76 -21.40
N ARG A 154 9.55 -0.56 -21.60
CA ARG A 154 8.33 -1.36 -21.52
C ARG A 154 7.37 -1.17 -20.36
N PHE A 155 7.82 -0.69 -19.20
CA PHE A 155 6.93 -0.47 -18.11
C PHE A 155 6.74 1.02 -17.91
N GLY A 156 7.69 1.84 -18.33
CA GLY A 156 7.59 3.27 -17.95
C GLY A 156 8.81 4.03 -18.32
N ASP A 157 8.80 5.32 -17.95
CA ASP A 157 9.93 6.18 -18.38
C ASP A 157 11.03 6.07 -17.38
N ARG A 158 12.25 6.21 -17.84
CA ARG A 158 13.32 6.31 -16.95
C ARG A 158 13.07 7.31 -15.78
N PHE A 159 12.40 8.42 -16.00
CA PHE A 159 12.31 9.34 -14.87
C PHE A 159 10.84 9.59 -14.55
N PRO A 160 10.10 8.55 -14.09
CA PRO A 160 8.66 8.92 -13.93
C PRO A 160 8.56 10.08 -12.91
N ALA A 161 7.57 10.96 -13.10
CA ALA A 161 7.19 11.90 -12.07
C ALA A 161 6.39 11.22 -11.01
N MET A 162 6.34 11.84 -9.84
CA MET A 162 5.62 11.34 -8.66
C MET A 162 4.79 12.52 -8.03
N SER A 163 5.03 13.72 -8.56
CA SER A 163 4.12 14.72 -8.02
C SER A 163 2.66 14.37 -8.12
N ASP A 164 2.21 13.56 -9.09
CA ASP A 164 0.79 13.14 -9.22
C ASP A 164 0.57 11.68 -8.75
N ALA A 165 1.23 11.30 -7.67
CA ALA A 165 1.27 9.87 -7.47
C ALA A 165 -0.07 9.41 -6.98
N TYR A 166 -0.48 10.00 -5.89
CA TYR A 166 -1.70 9.60 -5.27
C TYR A 166 -2.84 10.24 -6.03
N ASP A 167 -3.37 9.47 -6.96
CA ASP A 167 -4.28 10.04 -7.89
C ASP A 167 -5.44 10.94 -7.31
N ARG A 168 -5.60 12.12 -7.93
CA ARG A 168 -6.41 13.20 -7.42
C ARG A 168 -7.90 12.95 -7.47
N THR A 169 -8.39 12.54 -8.63
CA THR A 169 -9.78 12.14 -8.79
C THR A 169 -10.26 11.26 -7.64
N MET A 170 -9.40 10.29 -7.30
CA MET A 170 -9.82 9.24 -6.37
C MET A 170 -9.68 9.74 -4.99
N ARG A 171 -8.76 10.68 -4.79
CA ARG A 171 -8.65 11.29 -3.52
C ARG A 171 -9.95 11.96 -3.25
N GLN A 172 -10.55 12.53 -4.31
CA GLN A 172 -11.88 13.11 -4.17
C GLN A 172 -12.96 12.11 -3.92
N ARG A 173 -13.21 11.26 -4.90
CA ARG A 173 -14.27 10.32 -4.65
C ARG A 173 -14.16 9.75 -3.25
N ALA A 174 -12.95 9.54 -2.78
CA ALA A 174 -12.73 9.00 -1.47
C ALA A 174 -13.26 9.89 -0.38
N LEU A 175 -12.85 11.16 -0.42
CA LEU A 175 -13.28 12.19 0.53
C LEU A 175 -14.83 12.36 0.46
N SER A 176 -15.37 12.29 -0.78
CA SER A 176 -16.83 12.40 -0.97
C SER A 176 -17.40 11.19 -0.25
N THR A 177 -17.04 10.00 -0.77
CA THR A 177 -17.50 8.75 -0.22
C THR A 177 -17.44 8.68 1.26
N TRP A 178 -16.43 9.28 1.87
CA TRP A 178 -16.29 9.07 3.27
C TRP A 178 -17.43 9.85 3.97
N LYS A 179 -17.98 10.88 3.29
CA LYS A 179 -19.14 11.64 3.80
C LYS A 179 -20.43 11.02 3.28
N GLN A 180 -20.57 10.69 1.98
CA GLN A 180 -21.62 9.72 1.54
C GLN A 180 -22.18 8.80 2.70
N MET A 181 -21.30 8.17 3.49
CA MET A 181 -21.82 7.34 4.60
C MET A 181 -21.65 8.15 5.83
N GLY A 182 -21.26 9.41 5.67
CA GLY A 182 -21.02 10.33 6.78
C GLY A 182 -20.61 9.64 8.07
N GLU A 183 -19.32 9.52 8.34
CA GLU A 183 -18.86 8.91 9.64
C GLU A 183 -18.50 10.09 10.51
N GLN A 184 -18.12 9.90 11.78
CA GLN A 184 -17.55 11.11 12.46
C GLN A 184 -16.37 11.02 13.49
N ARG A 185 -15.17 10.85 12.90
CA ARG A 185 -14.00 11.76 13.01
C ARG A 185 -13.79 12.03 11.49
N GLU A 186 -13.21 13.18 11.13
CA GLU A 186 -12.97 13.48 9.66
C GLU A 186 -12.12 12.36 8.85
N LEU A 187 -12.32 12.17 7.54
CA LEU A 187 -11.39 11.30 6.80
C LEU A 187 -10.17 12.17 6.68
N GLN A 188 -9.08 11.77 7.35
CA GLN A 188 -7.85 12.56 7.32
C GLN A 188 -7.09 12.49 5.98
N GLU A 189 -6.06 13.30 5.84
CA GLU A 189 -5.42 13.35 4.58
C GLU A 189 -4.08 14.00 4.88
N GLY A 190 -3.05 13.48 4.24
CA GLY A 190 -1.68 13.89 4.60
C GLY A 190 -0.63 13.14 3.83
N THR A 191 0.58 13.42 4.19
CA THR A 191 1.77 12.88 3.53
C THR A 191 2.31 11.78 4.36
N TYR A 192 2.61 10.69 3.73
CA TYR A 192 3.13 9.56 4.47
C TYR A 192 4.58 9.66 4.28
N VAL A 193 5.31 9.75 5.33
CA VAL A 193 6.74 9.61 5.09
C VAL A 193 7.09 8.15 5.29
N MET A 194 7.78 7.54 4.31
CA MET A 194 8.46 6.22 4.51
C MET A 194 9.80 6.26 5.17
N VAL A 195 9.85 5.59 6.25
CA VAL A 195 11.11 5.46 6.85
C VAL A 195 11.37 3.90 6.74
N ALA A 196 12.59 3.47 6.45
CA ALA A 196 12.94 2.02 6.31
C ALA A 196 12.82 1.26 7.56
N GLY A 197 13.54 1.73 8.58
CA GLY A 197 14.46 0.77 9.36
C GLY A 197 13.37 -0.03 10.00
N PRO A 198 13.66 -1.21 10.63
CA PRO A 198 12.52 -1.91 11.27
C PRO A 198 12.29 -1.44 12.67
N SER A 199 13.19 -0.68 13.28
CA SER A 199 12.99 -0.31 14.65
C SER A 199 12.17 1.00 14.56
N PHE A 200 11.68 1.57 15.69
CA PHE A 200 10.79 2.72 15.72
C PHE A 200 11.43 4.05 16.11
N GLU A 201 10.80 5.19 15.79
CA GLU A 201 11.69 6.26 15.75
C GLU A 201 11.98 6.79 17.08
N THR A 202 13.07 7.52 17.23
CA THR A 202 13.30 8.11 18.52
C THR A 202 12.41 9.30 18.52
N VAL A 203 12.45 10.05 19.62
CA VAL A 203 11.71 11.31 19.61
C VAL A 203 12.37 12.30 18.67
N ALA A 204 13.68 12.30 18.67
CA ALA A 204 14.31 13.26 17.76
C ALA A 204 13.92 12.94 16.33
N GLU A 205 13.91 11.67 16.03
CA GLU A 205 13.52 11.23 14.74
C GLU A 205 12.14 11.74 14.38
N CYS A 206 11.12 11.41 15.21
CA CYS A 206 9.79 12.01 14.99
C CYS A 206 9.81 13.50 14.83
N ARG A 207 10.59 14.26 15.64
CA ARG A 207 10.68 15.65 15.30
C ARG A 207 11.00 15.91 13.83
N VAL A 208 12.10 15.32 13.35
CA VAL A 208 12.50 15.57 12.02
C VAL A 208 11.44 15.12 11.04
N LEU A 209 10.90 13.93 11.26
CA LEU A 209 9.83 13.58 10.41
C LEU A 209 8.70 14.62 10.43
N GLN A 210 8.39 15.24 11.60
CA GLN A 210 7.16 16.07 11.58
C GLN A 210 7.55 17.35 10.93
N LYS A 211 8.73 17.79 11.33
CA LYS A 211 9.21 18.97 10.66
C LYS A 211 9.71 18.81 9.19
N LEU A 212 9.05 18.01 8.39
CA LEU A 212 9.58 17.67 7.03
C LEU A 212 8.18 17.68 6.49
N GLY A 213 7.26 17.86 7.43
CA GLY A 213 5.89 17.87 7.10
C GLY A 213 5.31 16.55 6.70
N ALA A 214 5.78 15.43 7.25
CA ALA A 214 5.10 14.18 7.11
C ALA A 214 4.05 14.14 8.16
N ASP A 215 2.93 13.48 7.87
CA ASP A 215 1.88 13.37 8.88
C ASP A 215 1.82 11.99 9.47
N ALA A 216 2.02 11.01 8.61
CA ALA A 216 2.13 9.62 9.06
C ALA A 216 3.52 9.13 8.74
N VAL A 217 4.09 8.32 9.63
CA VAL A 217 5.27 7.53 9.19
C VAL A 217 5.06 6.05 9.11
N GLY A 218 5.45 5.46 8.01
CA GLY A 218 5.49 3.97 8.12
C GLY A 218 6.65 3.48 7.30
N MET A 219 6.59 2.20 6.92
CA MET A 219 7.61 1.56 6.13
C MET A 219 7.21 0.76 4.89
N SER A 220 6.24 1.11 4.10
CA SER A 220 5.78 0.29 2.91
C SER A 220 5.38 1.26 1.91
N THR A 221 4.61 0.82 0.89
CA THR A 221 3.82 1.76 0.04
C THR A 221 4.68 2.56 -0.89
N VAL A 222 5.48 3.49 -0.36
CA VAL A 222 6.23 4.31 -1.32
C VAL A 222 6.81 3.42 -2.47
N PRO A 223 7.47 2.34 -2.13
CA PRO A 223 8.08 1.70 -3.25
C PRO A 223 6.91 1.19 -4.13
N GLU A 224 5.90 0.61 -3.53
CA GLU A 224 4.88 0.13 -4.43
C GLU A 224 4.23 1.27 -5.26
N VAL A 225 4.11 2.43 -4.63
CA VAL A 225 3.46 3.53 -5.24
C VAL A 225 4.42 3.94 -6.38
N ILE A 226 5.72 4.22 -6.12
CA ILE A 226 6.63 4.57 -7.21
C ILE A 226 6.48 3.56 -8.37
N VAL A 227 6.40 2.27 -8.05
CA VAL A 227 6.48 1.41 -9.25
C VAL A 227 5.24 1.27 -9.97
N ALA A 228 4.17 1.32 -9.21
CA ALA A 228 2.79 1.58 -9.74
C ALA A 228 2.76 2.77 -10.76
N ARG A 229 3.08 3.95 -10.23
CA ARG A 229 2.96 5.08 -11.03
C ARG A 229 3.87 4.88 -12.17
N HIS A 230 5.00 4.21 -11.99
CA HIS A 230 5.94 4.16 -13.13
C HIS A 230 5.36 3.36 -14.26
N CYS A 231 4.37 2.54 -14.03
CA CYS A 231 3.78 1.92 -15.23
C CYS A 231 2.31 2.37 -15.49
N GLY A 232 2.05 3.56 -14.94
CA GLY A 232 0.85 4.25 -14.91
C GLY A 232 -0.28 3.60 -14.19
N LEU A 233 -0.13 2.90 -13.09
CA LEU A 233 -1.33 2.41 -12.56
C LEU A 233 -1.93 3.64 -11.98
N ARG A 234 -3.23 3.71 -11.75
CA ARG A 234 -3.82 4.78 -10.90
C ARG A 234 -3.67 4.38 -9.44
N VAL A 235 -3.14 5.24 -8.62
CA VAL A 235 -2.94 4.77 -7.24
C VAL A 235 -3.63 5.61 -6.28
N PHE A 236 -4.19 5.01 -5.24
CA PHE A 236 -4.34 5.74 -3.96
C PHE A 236 -4.33 4.83 -2.77
N GLY A 237 -4.40 5.32 -1.52
CA GLY A 237 -4.48 4.48 -0.36
C GLY A 237 -4.51 5.21 1.00
N PHE A 238 -4.38 4.48 2.09
CA PHE A 238 -4.72 5.00 3.38
C PHE A 238 -3.66 4.55 4.28
N SER A 239 -3.56 5.19 5.41
CA SER A 239 -2.87 4.66 6.47
C SER A 239 -3.85 4.56 7.58
N LEU A 240 -3.71 3.52 8.33
CA LEU A 240 -4.50 3.37 9.45
C LEU A 240 -3.59 3.90 10.53
N ILE A 241 -3.86 5.07 11.12
CA ILE A 241 -2.95 5.57 12.21
C ILE A 241 -3.06 4.63 13.37
N THR A 242 -1.96 4.15 13.91
CA THR A 242 -2.14 3.07 14.83
C THR A 242 -1.46 3.47 16.07
N ASN A 243 -0.89 4.67 16.07
CA ASN A 243 -0.29 5.23 17.29
C ASN A 243 0.28 6.53 16.87
N LYS A 244 0.83 7.34 17.83
CA LYS A 244 1.72 8.57 17.59
C LYS A 244 2.67 8.78 18.75
N VAL A 245 3.95 9.29 18.59
CA VAL A 245 4.73 9.96 19.82
C VAL A 245 5.30 11.26 19.34
N ILE A 246 6.05 12.04 20.20
CA ILE A 246 6.85 13.29 19.82
C ILE A 246 7.50 14.20 20.89
N MET A 247 7.20 13.98 22.15
CA MET A 247 7.66 14.99 23.11
C MET A 247 8.58 14.30 24.09
N ASP A 248 9.66 14.99 24.47
CA ASP A 248 10.68 14.37 25.30
C ASP A 248 10.05 14.22 26.68
N TYR A 249 9.86 15.34 27.39
CA TYR A 249 9.33 15.27 28.78
C TYR A 249 8.30 14.12 28.73
N GLU A 250 8.63 13.06 29.47
CA GLU A 250 7.66 12.02 29.78
C GLU A 250 7.47 10.87 28.77
N SER A 251 8.31 9.85 29.00
CA SER A 251 8.16 8.49 28.45
C SER A 251 7.53 7.64 29.59
N LEU A 252 6.27 7.97 29.91
CA LEU A 252 5.34 7.12 30.72
C LEU A 252 4.95 5.92 29.81
N GLU A 253 5.82 5.63 28.82
CA GLU A 253 5.55 4.78 27.63
C GLU A 253 6.76 4.81 26.65
N LYS A 254 6.77 3.93 25.65
CA LYS A 254 7.71 3.97 24.45
C LYS A 254 7.01 4.29 23.03
N ALA A 255 7.50 3.71 21.92
CA ALA A 255 6.93 3.92 20.55
C ALA A 255 6.19 2.73 19.81
N ASN A 256 6.12 1.55 20.47
CA ASN A 256 5.87 0.14 19.93
C ASN A 256 4.46 -0.46 19.47
N HIS A 257 4.27 -1.78 19.73
CA HIS A 257 3.22 -2.68 19.15
C HIS A 257 1.94 -3.06 20.00
N GLU A 258 1.96 -2.80 21.32
CA GLU A 258 0.74 -2.69 22.16
C GLU A 258 -0.06 -1.43 21.75
N GLU A 259 0.61 -0.58 20.96
CA GLU A 259 0.05 0.50 20.05
C GLU A 259 0.44 0.32 18.52
N VAL A 260 -0.14 -0.73 17.90
CA VAL A 260 -0.38 -0.88 16.40
C VAL A 260 -1.59 -1.88 16.06
N LEU A 261 -2.58 -1.88 16.98
CA LEU A 261 -3.91 -2.51 16.82
C LEU A 261 -4.82 -1.45 16.18
N ALA A 262 -4.79 -0.23 16.77
CA ALA A 262 -5.74 0.91 16.56
C ALA A 262 -7.23 0.60 16.94
N ALA A 263 -7.64 0.86 18.22
CA ALA A 263 -8.80 0.14 18.88
C ALA A 263 -8.91 -1.47 18.61
N GLY A 264 -8.13 -1.95 17.62
CA GLY A 264 -8.20 -3.31 17.06
C GLY A 264 -8.91 -3.40 15.71
N LYS A 265 -9.67 -4.49 15.56
CA LYS A 265 -10.56 -4.72 14.44
C LYS A 265 -11.36 -3.48 14.01
N GLN A 266 -12.00 -2.77 14.95
CA GLN A 266 -12.98 -1.76 14.52
C GLN A 266 -12.34 -0.71 13.57
N ALA A 267 -11.15 -0.18 13.91
CA ALA A 267 -10.57 0.85 13.04
C ALA A 267 -10.31 0.20 11.73
N ALA A 268 -9.84 -1.04 11.81
CA ALA A 268 -9.23 -1.71 10.67
C ALA A 268 -10.33 -2.12 9.78
N GLN A 269 -11.30 -2.80 10.38
CA GLN A 269 -12.60 -3.06 9.77
C GLN A 269 -13.15 -1.81 9.03
N LYS A 270 -13.10 -0.65 9.67
CA LYS A 270 -13.59 0.55 9.03
C LYS A 270 -12.89 0.86 7.73
N LEU A 271 -11.56 0.83 7.79
CA LEU A 271 -10.77 1.02 6.58
C LEU A 271 -11.08 0.00 5.50
N GLU A 272 -11.25 -1.23 5.91
CA GLU A 272 -11.67 -2.26 4.98
C GLU A 272 -12.99 -2.00 4.33
N GLN A 273 -13.99 -1.56 5.11
CA GLN A 273 -15.31 -1.26 4.46
C GLN A 273 -15.07 -0.17 3.46
N PHE A 274 -14.35 0.81 3.97
CA PHE A 274 -14.25 1.99 3.25
C PHE A 274 -13.63 1.60 1.91
N VAL A 275 -12.54 0.80 1.95
CA VAL A 275 -11.86 0.36 0.72
C VAL A 275 -12.80 -0.45 -0.14
N SER A 276 -13.54 -1.29 0.52
CA SER A 276 -14.51 -2.04 -0.21
C SER A 276 -15.51 -1.07 -0.82
N ILE A 277 -15.91 -0.09 -0.07
CA ILE A 277 -16.79 0.79 -0.76
C ILE A 277 -16.19 1.45 -1.99
N LEU A 278 -15.04 2.09 -1.82
CA LEU A 278 -14.46 2.81 -2.92
C LEU A 278 -14.36 1.99 -4.16
N MET A 279 -14.55 0.68 -4.05
CA MET A 279 -14.34 -0.16 -5.26
C MET A 279 -15.13 0.47 -6.37
N ALA A 280 -16.27 1.01 -5.86
CA ALA A 280 -17.39 1.57 -6.61
C ALA A 280 -16.99 2.82 -7.28
N SER A 281 -16.07 3.57 -6.69
CA SER A 281 -15.52 4.71 -7.39
C SER A 281 -14.39 4.44 -8.28
N ILE A 282 -13.92 3.22 -8.46
CA ILE A 282 -12.78 3.16 -9.34
C ILE A 282 -13.37 3.02 -10.70
N PRO A 283 -13.04 3.93 -11.55
CA PRO A 283 -13.45 3.93 -12.88
C PRO A 283 -13.32 2.57 -13.40
N LEU A 284 -14.33 2.10 -14.12
CA LEU A 284 -14.26 0.80 -14.81
C LEU A 284 -13.22 0.96 -15.88
N PRO A 285 -12.77 -0.14 -16.48
CA PRO A 285 -11.77 0.07 -17.53
C PRO A 285 -12.32 0.07 -18.95
N ASP A 286 -13.02 -1.03 -19.29
CA ASP A 286 -13.16 -1.51 -20.71
C ASP A 286 -13.69 -0.43 -21.67
N LYS A 287 -14.21 0.65 -21.05
CA LYS A 287 -15.16 1.63 -21.63
C LYS A 287 -15.69 2.61 -20.53
N ALA A 288 -16.24 2.08 -19.39
CA ALA A 288 -17.23 2.75 -18.40
C ALA A 288 -17.85 4.09 -18.81
N SER A 289 -18.91 3.90 -19.62
CA SER A 289 -20.03 4.81 -19.95
C SER A 289 -20.86 4.16 -21.09
#